data_2VNS
#
_entry.id   2VNS
#
_cell.length_a   37.686
_cell.length_b   66.812
_cell.length_c   143.366
_cell.angle_alpha   90.00
_cell.angle_beta   90.00
_cell.angle_gamma   90.00
#
_symmetry.space_group_name_H-M   'P 21 21 21'
#
loop_
_entity.id
_entity.type
_entity.pdbx_description
1 polymer 'METALLOREDUCTASE STEAP3'
2 non-polymer 'CITRIC ACID'
3 water water
#
_entity_poly.entity_id   1
_entity_poly.type   'polypeptide(L)'
_entity_poly.pdbx_seq_one_letter_code
;MPEEMDKPLISLHLVDSDSSLAKVPDEAPKVGILGSGDFARSLATRLVGSGFKVVVGSRNPKRTARLFPSAAQVTFQEEA
VSSPEVIFVAVFREHYSSLCSLSDQLAGKILVDVSNPTEQEHLQHRESNAEYLASLFPTCTVVKAFNVISAWTLQAGPRD
GNRQVPICGDQPEAKRAVSEMALAMGFMPVDMGSLASAWEVEAMPLRLLPAWKVP
;
_entity_poly.pdbx_strand_id   A,B
#
# COMPACT_ATOMS: atom_id res chain seq x y z
N PRO A 29 -1.23 -20.53 -2.39
CA PRO A 29 -0.12 -21.03 -3.17
C PRO A 29 -0.53 -21.66 -4.50
N LYS A 30 0.21 -21.37 -5.56
CA LYS A 30 0.59 -20.01 -5.79
C LYS A 30 -0.66 -19.38 -6.38
N VAL A 31 -0.88 -18.12 -6.04
CA VAL A 31 -1.92 -17.34 -6.66
C VAL A 31 -1.25 -16.37 -7.61
N GLY A 32 -1.83 -16.22 -8.80
CA GLY A 32 -1.29 -15.34 -9.80
C GLY A 32 -1.99 -13.98 -9.88
N ILE A 33 -1.22 -12.96 -10.23
CA ILE A 33 -1.74 -11.63 -10.51
C ILE A 33 -1.06 -11.11 -11.77
N LEU A 34 -1.88 -10.71 -12.75
CA LEU A 34 -1.38 -9.99 -13.91
C LEU A 34 -1.63 -8.52 -13.74
N GLY A 35 -0.53 -7.77 -13.76
CA GLY A 35 -0.50 -6.31 -13.73
C GLY A 35 0.27 -5.75 -12.55
N SER A 36 0.49 -4.45 -12.55
CA SER A 36 1.71 -3.84 -12.03
C SER A 36 1.27 -2.66 -11.17
N GLY A 37 -0.04 -2.36 -11.19
CA GLY A 37 -0.56 -1.12 -10.64
C GLY A 37 -0.91 -1.12 -9.17
N ASP A 38 -1.54 -0.04 -8.72
CA ASP A 38 -1.90 0.11 -7.31
C ASP A 38 -2.78 -1.03 -6.84
N PHE A 39 -3.75 -1.41 -7.65
CA PHE A 39 -4.62 -2.55 -7.29
C PHE A 39 -3.91 -3.90 -7.25
N ALA A 40 -3.10 -4.21 -8.27
CA ALA A 40 -2.24 -5.40 -8.30
C ALA A 40 -1.46 -5.45 -6.98
N ARG A 41 -0.94 -4.31 -6.55
CA ARG A 41 0.18 -4.28 -5.63
C ARG A 41 -0.53 -4.51 -4.26
N SER A 42 -1.71 -3.91 -4.12
CA SER A 42 -2.53 -4.04 -2.92
C SER A 42 -3.08 -5.47 -2.74
N LEU A 43 -3.56 -6.05 -3.83
CA LEU A 43 -3.99 -7.44 -3.85
CA LEU A 43 -3.99 -7.44 -3.84
C LEU A 43 -2.84 -8.35 -3.42
N ALA A 44 -1.66 -8.13 -3.99
CA ALA A 44 -0.46 -8.92 -3.65
C ALA A 44 -0.18 -8.85 -2.14
N THR A 45 -0.29 -7.64 -1.60
CA THR A 45 0.00 -7.37 -0.19
C THR A 45 -1.01 -8.12 0.68
N ARG A 46 -2.29 -8.02 0.32
CA ARG A 46 -3.32 -8.73 1.07
C ARG A 46 -3.14 -10.25 1.03
N LEU A 47 -2.87 -10.78 -0.16
CA LEU A 47 -2.67 -12.22 -0.33
C LEU A 47 -1.47 -12.75 0.46
N VAL A 48 -0.35 -12.04 0.38
CA VAL A 48 0.87 -12.37 1.11
C VAL A 48 0.61 -12.29 2.61
N GLY A 49 -0.07 -11.25 3.05
CA GLY A 49 -0.44 -11.12 4.47
C GLY A 49 -1.41 -12.20 4.94
N SER A 50 -2.09 -12.84 4.01
CA SER A 50 -3.06 -13.90 4.34
C SER A 50 -2.50 -15.31 4.14
N GLY A 51 -1.20 -15.43 3.91
CA GLY A 51 -0.54 -16.72 3.85
C GLY A 51 -0.48 -17.36 2.47
N PHE A 52 -0.82 -16.62 1.41
CA PHE A 52 -0.72 -17.19 0.06
C PHE A 52 0.67 -16.92 -0.51
N LYS A 53 1.13 -17.81 -1.37
CA LYS A 53 2.32 -17.56 -2.20
C LYS A 53 1.83 -16.83 -3.44
N VAL A 54 2.46 -15.70 -3.76
CA VAL A 54 2.01 -14.83 -4.84
C VAL A 54 3.07 -14.72 -5.93
N VAL A 55 2.61 -14.87 -7.18
CA VAL A 55 3.43 -14.62 -8.37
C VAL A 55 2.77 -13.53 -9.21
N VAL A 56 3.53 -12.47 -9.51
CA VAL A 56 3.03 -11.34 -10.32
C VAL A 56 3.66 -11.32 -11.70
N GLY A 57 2.81 -11.18 -12.72
CA GLY A 57 3.25 -11.01 -14.10
C GLY A 57 3.17 -9.55 -14.55
N SER A 58 4.33 -9.01 -14.90
CA SER A 58 4.51 -7.64 -15.32
C SER A 58 5.34 -7.62 -16.58
N ARG A 59 5.13 -6.59 -17.39
CA ARG A 59 5.93 -6.35 -18.58
C ARG A 59 7.34 -5.85 -18.20
N ASN A 60 7.43 -5.16 -17.07
CA ASN A 60 8.70 -4.62 -16.57
C ASN A 60 8.91 -5.12 -15.14
N PRO A 61 9.25 -6.40 -14.99
CA PRO A 61 9.34 -6.95 -13.64
C PRO A 61 10.43 -6.33 -12.77
N LYS A 62 11.53 -5.91 -13.40
CA LYS A 62 12.65 -5.32 -12.66
C LYS A 62 12.17 -4.09 -11.90
N ARG A 63 11.53 -3.19 -12.62
CA ARG A 63 11.02 -1.94 -12.05
C ARG A 63 9.82 -2.21 -11.11
N THR A 64 8.93 -3.08 -11.53
CA THR A 64 7.71 -3.37 -10.77
C THR A 64 8.05 -4.04 -9.42
N ALA A 65 9.00 -4.97 -9.45
CA ALA A 65 9.38 -5.71 -8.25
C ALA A 65 9.77 -4.79 -7.07
N ARG A 66 10.46 -3.70 -7.38
CA ARG A 66 10.98 -2.77 -6.35
C ARG A 66 9.90 -2.25 -5.38
N LEU A 67 8.70 -2.02 -5.88
CA LEU A 67 7.59 -1.51 -5.06
C LEU A 67 6.67 -2.59 -4.45
N PHE A 68 6.71 -3.81 -5.00
CA PHE A 68 5.83 -4.88 -4.53
C PHE A 68 6.34 -5.49 -3.23
N PRO A 69 5.44 -6.08 -2.43
CA PRO A 69 5.87 -6.77 -1.22
C PRO A 69 6.93 -7.79 -1.56
N SER A 70 7.96 -7.87 -0.71
CA SER A 70 9.10 -8.76 -0.90
C SER A 70 8.72 -10.21 -1.07
N ALA A 71 7.69 -10.65 -0.37
CA ALA A 71 7.26 -12.06 -0.43
C ALA A 71 6.60 -12.43 -1.77
N ALA A 72 6.18 -11.45 -2.56
CA ALA A 72 5.65 -11.74 -3.89
C ALA A 72 6.80 -11.91 -4.88
N GLN A 73 6.66 -12.89 -5.76
CA GLN A 73 7.63 -13.14 -6.83
C GLN A 73 7.15 -12.46 -8.08
N VAL A 74 7.82 -11.38 -8.46
CA VAL A 74 7.41 -10.59 -9.62
C VAL A 74 8.29 -11.01 -10.78
N THR A 75 7.64 -11.31 -11.90
CA THR A 75 8.34 -11.86 -13.04
C THR A 75 7.62 -11.49 -14.34
N PHE A 76 8.08 -12.07 -15.44
CA PHE A 76 7.51 -11.80 -16.77
C PHE A 76 6.12 -12.45 -16.85
N GLN A 77 5.25 -11.89 -17.68
CA GLN A 77 3.85 -12.34 -17.77
C GLN A 77 3.76 -13.82 -18.05
N GLU A 78 4.53 -14.25 -19.05
CA GLU A 78 4.48 -15.62 -19.50
C GLU A 78 4.88 -16.60 -18.40
N GLU A 79 5.91 -16.27 -17.64
CA GLU A 79 6.35 -17.08 -16.52
C GLU A 79 5.40 -17.01 -15.32
N ALA A 80 4.76 -15.86 -15.12
CA ALA A 80 3.91 -15.63 -13.95
C ALA A 80 2.65 -16.48 -13.98
N VAL A 81 2.11 -16.71 -15.17
CA VAL A 81 0.80 -17.35 -15.29
C VAL A 81 0.87 -18.85 -15.46
N SER A 82 2.07 -19.39 -15.52
CA SER A 82 2.30 -20.80 -15.80
C SER A 82 1.99 -21.74 -14.63
N SER A 83 2.33 -21.33 -13.44
CA SER A 83 2.15 -22.14 -12.23
C SER A 83 0.77 -22.04 -11.51
N PRO A 84 0.19 -20.84 -11.31
CA PRO A 84 -1.05 -20.74 -10.53
C PRO A 84 -2.30 -21.33 -11.17
N GLU A 85 -3.26 -21.73 -10.33
CA GLU A 85 -4.58 -22.15 -10.77
C GLU A 85 -5.53 -20.97 -10.96
N VAL A 86 -5.39 -19.98 -10.09
CA VAL A 86 -6.23 -18.78 -10.10
C VAL A 86 -5.35 -17.57 -10.39
N ILE A 87 -5.76 -16.80 -11.38
CA ILE A 87 -5.03 -15.63 -11.85
C ILE A 87 -5.91 -14.39 -11.78
N PHE A 88 -5.55 -13.44 -10.95
CA PHE A 88 -6.24 -12.14 -10.92
C PHE A 88 -5.80 -11.25 -12.08
N VAL A 89 -6.75 -10.77 -12.87
CA VAL A 89 -6.44 -9.90 -14.01
C VAL A 89 -6.61 -8.44 -13.58
N ALA A 90 -5.53 -7.87 -13.05
CA ALA A 90 -5.56 -6.54 -12.46
C ALA A 90 -4.97 -5.55 -13.46
N VAL A 91 -5.54 -5.52 -14.66
CA VAL A 91 -5.21 -4.54 -15.70
C VAL A 91 -6.51 -3.93 -16.21
N PHE A 92 -6.44 -2.78 -16.85
CA PHE A 92 -7.63 -2.13 -17.36
C PHE A 92 -8.20 -2.90 -18.56
N ARG A 93 -9.51 -2.74 -18.80
CA ARG A 93 -10.21 -3.44 -19.88
C ARG A 93 -9.49 -3.26 -21.22
N GLU A 94 -9.03 -2.04 -21.50
CA GLU A 94 -8.35 -1.71 -22.77
C GLU A 94 -7.10 -2.55 -23.00
N HIS A 95 -6.57 -3.15 -21.94
CA HIS A 95 -5.37 -3.98 -22.00
C HIS A 95 -5.61 -5.48 -21.95
N TYR A 96 -6.86 -5.90 -21.81
CA TYR A 96 -7.20 -7.34 -21.81
C TYR A 96 -6.69 -8.09 -23.03
N SER A 97 -6.92 -7.55 -24.22
CA SER A 97 -6.54 -8.25 -25.46
C SER A 97 -5.03 -8.34 -25.59
N SER A 98 -4.31 -7.44 -24.93
CA SER A 98 -2.83 -7.47 -24.92
C SER A 98 -2.31 -8.75 -24.26
N LEU A 99 -3.17 -9.44 -23.52
CA LEU A 99 -2.81 -10.70 -22.84
C LEU A 99 -3.07 -11.95 -23.67
N CYS A 100 -3.53 -11.77 -24.91
CA CYS A 100 -3.93 -12.89 -25.75
C CYS A 100 -2.81 -13.89 -26.05
N SER A 101 -1.58 -13.41 -26.14
CA SER A 101 -0.44 -14.28 -26.40
C SER A 101 -0.15 -15.25 -25.25
N LEU A 102 -0.78 -15.04 -24.09
CA LEU A 102 -0.68 -15.94 -22.93
C LEU A 102 -1.69 -17.09 -22.96
N SER A 103 -2.53 -17.12 -24.00
CA SER A 103 -3.66 -18.05 -24.10
C SER A 103 -3.33 -19.50 -23.81
N ASP A 104 -2.27 -20.00 -24.43
CA ASP A 104 -1.84 -21.39 -24.27
C ASP A 104 -1.49 -21.73 -22.82
N GLN A 105 -0.81 -20.82 -22.15
CA GLN A 105 -0.43 -21.03 -20.76
C GLN A 105 -1.63 -20.95 -19.83
N LEU A 106 -2.54 -20.04 -20.14
CA LEU A 106 -3.74 -19.81 -19.33
C LEU A 106 -4.87 -20.85 -19.49
N ALA A 107 -4.75 -21.76 -20.45
CA ALA A 107 -5.85 -22.69 -20.75
C ALA A 107 -6.28 -23.48 -19.51
N GLY A 108 -7.59 -23.54 -19.28
CA GLY A 108 -8.17 -24.23 -18.13
C GLY A 108 -8.03 -23.58 -16.75
N LYS A 109 -7.48 -22.38 -16.70
N LYS A 109 -7.48 -22.38 -16.70
CA LYS A 109 -7.25 -21.70 -15.42
CA LYS A 109 -7.26 -21.70 -15.42
C LYS A 109 -8.44 -20.81 -15.06
C LYS A 109 -8.45 -20.81 -15.07
N ILE A 110 -8.50 -20.35 -13.82
CA ILE A 110 -9.55 -19.46 -13.35
C ILE A 110 -8.99 -18.07 -13.44
N LEU A 111 -9.72 -17.19 -14.11
CA LEU A 111 -9.38 -15.79 -14.24
C LEU A 111 -10.35 -14.97 -13.41
N VAL A 112 -9.82 -14.07 -12.57
CA VAL A 112 -10.66 -13.19 -11.77
C VAL A 112 -10.65 -11.79 -12.38
N ASP A 113 -11.82 -11.36 -12.81
CA ASP A 113 -12.02 -9.99 -13.29
C ASP A 113 -12.41 -9.11 -12.12
N VAL A 114 -11.50 -8.19 -11.75
CA VAL A 114 -11.66 -7.29 -10.61
C VAL A 114 -12.02 -5.85 -11.01
N SER A 115 -12.23 -5.64 -12.30
CA SER A 115 -12.35 -4.28 -12.84
C SER A 115 -13.57 -3.53 -12.29
N ASN A 116 -13.38 -2.23 -12.03
CA ASN A 116 -14.41 -1.35 -11.55
C ASN A 116 -14.59 -0.26 -12.62
N PRO A 117 -15.43 -0.53 -13.62
CA PRO A 117 -15.56 0.43 -14.72
C PRO A 117 -16.17 1.75 -14.26
N THR A 118 -15.81 2.82 -14.94
CA THR A 118 -16.51 4.07 -14.77
C THR A 118 -17.96 3.91 -15.26
N GLU A 119 -18.82 4.83 -14.85
CA GLU A 119 -20.22 4.82 -15.26
C GLU A 119 -20.34 4.85 -16.77
N GLN A 120 -19.48 5.62 -17.39
CA GLN A 120 -19.48 5.76 -18.85
C GLN A 120 -19.11 4.46 -19.53
N GLU A 121 -18.04 3.85 -19.07
CA GLU A 121 -17.57 2.53 -19.58
C GLU A 121 -18.66 1.46 -19.42
N HIS A 122 -19.26 1.42 -18.24
CA HIS A 122 -20.33 0.50 -17.94
C HIS A 122 -21.44 0.60 -18.97
N LEU A 123 -21.87 1.82 -19.25
CA LEU A 123 -22.99 2.08 -20.18
C LEU A 123 -22.63 1.90 -21.66
N GLN A 124 -21.36 2.08 -21.97
N GLN A 124 -21.36 2.08 -21.98
CA GLN A 124 -20.88 2.07 -23.35
CA GLN A 124 -20.91 2.05 -23.37
C GLN A 124 -20.78 0.67 -23.91
C GLN A 124 -20.80 0.65 -23.91
N HIS A 125 -20.38 -0.25 -23.05
CA HIS A 125 -20.18 -1.64 -23.45
C HIS A 125 -21.40 -2.48 -23.11
N ARG A 126 -21.93 -3.16 -24.13
CA ARG A 126 -23.08 -4.03 -23.94
C ARG A 126 -22.81 -5.10 -22.89
N GLU A 127 -21.69 -5.79 -23.04
CA GLU A 127 -21.35 -6.85 -22.10
C GLU A 127 -20.49 -6.31 -20.95
N SER A 128 -20.52 -7.01 -19.84
CA SER A 128 -19.66 -6.71 -18.73
C SER A 128 -18.22 -6.98 -19.13
N ASN A 129 -17.30 -6.28 -18.47
CA ASN A 129 -15.86 -6.58 -18.63
C ASN A 129 -15.58 -8.05 -18.41
N ALA A 130 -16.24 -8.63 -17.41
CA ALA A 130 -16.01 -10.04 -17.08
C ALA A 130 -16.39 -10.96 -18.26
N GLU A 131 -17.52 -10.67 -18.89
CA GLU A 131 -17.98 -11.44 -20.05
C GLU A 131 -17.08 -11.21 -21.28
N TYR A 132 -16.59 -9.98 -21.43
CA TYR A 132 -15.63 -9.67 -22.47
C TYR A 132 -14.39 -10.53 -22.28
N LEU A 133 -13.86 -10.52 -21.06
CA LEU A 133 -12.69 -11.33 -20.70
C LEU A 133 -12.96 -12.83 -20.97
N ALA A 134 -14.16 -13.28 -20.64
CA ALA A 134 -14.51 -14.69 -20.86
C ALA A 134 -14.45 -15.01 -22.36
N SER A 135 -14.87 -14.05 -23.18
CA SER A 135 -14.90 -14.19 -24.64
C SER A 135 -13.48 -14.29 -25.23
N LEU A 136 -12.56 -13.55 -24.64
CA LEU A 136 -11.16 -13.54 -25.09
C LEU A 136 -10.43 -14.85 -24.75
N PHE A 137 -10.83 -15.47 -23.65
CA PHE A 137 -10.19 -16.68 -23.13
C PHE A 137 -11.21 -17.79 -22.89
N PRO A 138 -11.76 -18.36 -23.98
CA PRO A 138 -12.86 -19.34 -23.88
C PRO A 138 -12.50 -20.63 -23.16
N THR A 139 -11.21 -20.98 -23.13
CA THR A 139 -10.76 -22.18 -22.43
C THR A 139 -10.54 -21.93 -20.94
N CYS A 140 -10.65 -20.67 -20.51
CA CYS A 140 -10.64 -20.30 -19.10
C CYS A 140 -12.04 -20.18 -18.54
N THR A 141 -12.14 -20.12 -17.23
CA THR A 141 -13.41 -19.84 -16.57
C THR A 141 -13.26 -18.56 -15.74
N VAL A 142 -14.14 -17.59 -16.01
CA VAL A 142 -14.03 -16.26 -15.40
C VAL A 142 -14.91 -16.16 -14.15
N VAL A 143 -14.34 -15.54 -13.13
CA VAL A 143 -15.07 -15.16 -11.92
C VAL A 143 -14.97 -13.64 -11.72
N LYS A 144 -16.12 -12.99 -11.54
CA LYS A 144 -16.15 -11.58 -11.18
C LYS A 144 -16.02 -11.49 -9.70
N ALA A 145 -15.03 -10.75 -9.24
CA ALA A 145 -14.90 -10.49 -7.81
C ALA A 145 -13.92 -9.36 -7.53
N PHE A 146 -14.18 -8.66 -6.42
CA PHE A 146 -13.32 -7.64 -5.81
C PHE A 146 -13.46 -6.23 -6.36
N ASN A 147 -14.29 -6.07 -7.37
CA ASN A 147 -14.51 -4.75 -7.95
C ASN A 147 -15.01 -3.68 -6.99
N VAL A 148 -15.72 -4.06 -5.93
CA VAL A 148 -16.27 -3.09 -4.96
C VAL A 148 -15.29 -2.73 -3.84
N ILE A 149 -14.14 -3.40 -3.81
CA ILE A 149 -13.15 -3.29 -2.73
C ILE A 149 -12.05 -2.32 -3.17
N SER A 150 -11.82 -1.28 -2.38
CA SER A 150 -10.76 -0.31 -2.71
C SER A 150 -9.38 -0.90 -2.49
N ALA A 151 -8.39 -0.33 -3.18
CA ALA A 151 -7.01 -0.75 -3.01
C ALA A 151 -6.55 -0.58 -1.56
N TRP A 152 -6.96 0.50 -0.91
CA TRP A 152 -6.57 0.72 0.49
C TRP A 152 -7.21 -0.30 1.43
N THR A 153 -8.44 -0.71 1.12
CA THR A 153 -9.12 -1.73 1.93
C THR A 153 -8.36 -3.05 1.84
N LEU A 154 -7.84 -3.35 0.65
CA LEU A 154 -6.96 -4.50 0.46
C LEU A 154 -5.68 -4.38 1.28
N GLN A 155 -5.09 -3.18 1.30
CA GLN A 155 -3.85 -2.93 2.02
C GLN A 155 -4.03 -2.94 3.53
N ALA A 156 -5.02 -2.20 3.98
CA ALA A 156 -5.15 -1.89 5.39
C ALA A 156 -6.22 -2.74 5.99
N GLY A 157 -7.41 -2.65 5.37
CA GLY A 157 -8.69 -3.07 5.95
C GLY A 157 -8.76 -4.56 6.01
N PRO A 158 -9.86 -5.19 5.54
CA PRO A 158 -11.26 -4.75 5.70
C PRO A 158 -11.53 -4.75 7.19
N ARG A 159 -10.98 -5.77 7.84
CA ARG A 159 -9.82 -5.55 8.68
C ARG A 159 -9.01 -6.84 8.72
N ASP A 160 -9.63 -7.90 8.22
CA ASP A 160 -9.77 -9.16 8.93
C ASP A 160 -11.14 -9.36 9.61
N GLY A 161 -11.98 -8.32 9.71
CA GLY A 161 -13.39 -8.46 10.11
C GLY A 161 -14.14 -8.75 8.86
N ASN A 162 -15.48 -8.64 8.81
CA ASN A 162 -16.18 -8.85 7.50
C ASN A 162 -15.90 -7.61 6.65
N ARG A 163 -15.92 -7.70 5.34
CA ARG A 163 -16.88 -7.01 4.47
C ARG A 163 -17.01 -7.58 3.05
N GLN A 164 -18.06 -7.21 2.33
CA GLN A 164 -18.91 -8.14 1.58
C GLN A 164 -18.11 -8.00 0.28
N VAL A 165 -17.73 -9.11 -0.36
CA VAL A 165 -17.49 -9.18 -1.83
C VAL A 165 -18.56 -9.93 -2.60
N PRO A 166 -19.32 -9.22 -3.44
CA PRO A 166 -19.99 -9.90 -4.56
C PRO A 166 -19.16 -10.73 -5.51
N ILE A 167 -19.62 -11.94 -5.73
CA ILE A 167 -18.94 -12.88 -6.60
C ILE A 167 -20.01 -13.40 -7.57
N CYS A 168 -19.72 -13.42 -8.86
CA CYS A 168 -20.31 -14.40 -9.72
C CYS A 168 -19.48 -15.07 -10.78
N GLY A 169 -20.15 -15.98 -11.49
CA GLY A 169 -19.61 -16.67 -12.64
C GLY A 169 -20.18 -18.07 -12.75
N ASP A 170 -19.81 -18.81 -13.80
CA ASP A 170 -20.73 -19.73 -14.44
C ASP A 170 -20.37 -21.08 -13.79
N GLN A 171 -19.14 -21.18 -13.24
CA GLN A 171 -18.63 -22.47 -12.72
C GLN A 171 -18.53 -22.54 -11.18
N PRO A 172 -19.30 -23.44 -10.55
CA PRO A 172 -19.32 -23.56 -9.08
C PRO A 172 -17.94 -23.76 -8.44
N GLU A 173 -17.09 -24.60 -9.03
CA GLU A 173 -15.76 -24.88 -8.47
C GLU A 173 -14.87 -23.63 -8.48
N ALA A 174 -14.91 -22.89 -9.59
CA ALA A 174 -14.19 -21.62 -9.70
C ALA A 174 -14.65 -20.63 -8.63
N LYS A 175 -15.96 -20.45 -8.50
CA LYS A 175 -16.51 -19.50 -7.52
C LYS A 175 -16.12 -19.88 -6.09
N ARG A 176 -16.13 -21.18 -5.79
CA ARG A 176 -15.72 -21.67 -4.47
C ARG A 176 -14.24 -21.35 -4.20
N ALA A 177 -13.38 -21.60 -5.16
CA ALA A 177 -11.95 -21.28 -5.03
C ALA A 177 -11.73 -19.79 -4.70
N VAL A 178 -12.45 -18.91 -5.39
CA VAL A 178 -12.27 -17.47 -5.18
C VAL A 178 -12.90 -17.04 -3.85
N SER A 179 -14.01 -17.68 -3.49
CA SER A 179 -14.70 -17.42 -2.23
C SER A 179 -13.83 -17.78 -1.01
N GLU A 180 -13.21 -18.96 -1.05
CA GLU A 180 -12.29 -19.39 0.03
C GLU A 180 -11.14 -18.40 0.16
N MET A 181 -10.73 -17.90 -0.98
CA MET A 181 -9.63 -16.97 -1.02
C MET A 181 -10.08 -15.66 -0.39
N ALA A 182 -11.26 -15.20 -0.75
CA ALA A 182 -11.89 -14.04 -0.12
C ALA A 182 -11.98 -14.18 1.40
N LEU A 183 -12.44 -15.34 1.85
CA LEU A 183 -12.54 -15.63 3.27
C LEU A 183 -11.17 -15.59 3.95
N ALA A 184 -10.17 -16.22 3.35
CA ALA A 184 -8.82 -16.23 3.91
C ALA A 184 -8.28 -14.79 4.04
N MET A 185 -8.70 -13.93 3.13
CA MET A 185 -8.27 -12.54 3.12
C MET A 185 -9.06 -11.67 4.11
N GLY A 186 -10.05 -12.25 4.77
CA GLY A 186 -10.85 -11.53 5.75
C GLY A 186 -12.10 -10.87 5.19
N PHE A 187 -12.50 -11.23 3.98
CA PHE A 187 -13.70 -10.70 3.36
C PHE A 187 -14.85 -11.69 3.53
N MET A 188 -16.04 -11.29 3.09
CA MET A 188 -17.22 -12.10 3.17
C MET A 188 -17.87 -12.21 1.80
N PRO A 189 -17.61 -13.33 1.11
CA PRO A 189 -18.11 -13.47 -0.24
C PRO A 189 -19.63 -13.58 -0.26
N VAL A 190 -20.23 -13.01 -1.29
CA VAL A 190 -21.67 -12.96 -1.45
C VAL A 190 -21.95 -13.41 -2.86
N ASP A 191 -22.60 -14.56 -3.01
CA ASP A 191 -22.84 -15.15 -4.30
C ASP A 191 -23.92 -14.37 -5.04
N MET A 192 -23.57 -13.84 -6.21
CA MET A 192 -24.52 -13.11 -7.04
C MET A 192 -24.93 -13.93 -8.27
N GLY A 193 -24.55 -15.20 -8.31
CA GLY A 193 -25.03 -16.09 -9.35
C GLY A 193 -24.08 -16.29 -10.51
N SER A 194 -24.64 -16.37 -11.72
CA SER A 194 -23.84 -16.72 -12.90
C SER A 194 -23.09 -15.50 -13.44
N LEU A 195 -22.26 -15.70 -14.45
CA LEU A 195 -21.51 -14.58 -15.01
C LEU A 195 -22.41 -13.54 -15.68
N ALA A 196 -23.65 -13.90 -16.03
CA ALA A 196 -24.56 -12.90 -16.58
C ALA A 196 -24.94 -11.81 -15.55
N SER A 197 -24.73 -12.09 -14.27
CA SER A 197 -24.91 -11.08 -13.23
C SER A 197 -23.78 -10.06 -13.13
N ALA A 198 -22.70 -10.27 -13.88
CA ALA A 198 -21.50 -9.45 -13.76
C ALA A 198 -21.76 -7.99 -14.14
N TRP A 199 -22.67 -7.77 -15.09
CA TRP A 199 -22.93 -6.40 -15.52
C TRP A 199 -23.49 -5.57 -14.36
N GLU A 200 -24.47 -6.16 -13.67
CA GLU A 200 -25.08 -5.56 -12.51
C GLU A 200 -24.06 -5.39 -11.39
N VAL A 201 -23.27 -6.42 -11.14
CA VAL A 201 -22.18 -6.35 -10.14
C VAL A 201 -21.19 -5.22 -10.46
N GLU A 202 -20.87 -5.07 -11.75
CA GLU A 202 -20.00 -4.01 -12.22
C GLU A 202 -20.58 -2.60 -12.01
N ALA A 203 -21.90 -2.47 -11.89
CA ALA A 203 -22.54 -1.18 -11.56
C ALA A 203 -22.42 -0.80 -10.06
N MET A 204 -22.12 -1.80 -9.22
CA MET A 204 -22.09 -1.58 -7.78
C MET A 204 -20.99 -0.57 -7.40
N PRO A 205 -21.35 0.43 -6.56
CA PRO A 205 -20.35 1.41 -6.21
C PRO A 205 -19.13 0.86 -5.45
N LEU A 206 -18.00 1.50 -5.68
CA LEU A 206 -16.77 1.22 -4.95
C LEU A 206 -16.88 1.74 -3.52
N ARG A 207 -16.36 0.97 -2.61
CA ARG A 207 -16.47 1.30 -1.20
C ARG A 207 -15.11 1.68 -0.60
N LEU A 208 -15.05 2.77 0.08
CA LEU A 208 -13.90 3.06 0.97
C LEU A 208 -14.14 2.64 2.43
N PRO B 29 18.84 8.41 -0.26
CA PRO B 29 19.86 7.52 0.24
C PRO B 29 20.54 7.94 1.53
N LYS B 30 20.72 7.00 2.46
CA LYS B 30 19.64 6.10 2.80
C LYS B 30 18.75 6.92 3.70
N VAL B 31 17.45 6.73 3.55
CA VAL B 31 16.48 7.32 4.43
C VAL B 31 16.00 6.24 5.37
N GLY B 32 15.96 6.54 6.66
CA GLY B 32 15.52 5.57 7.65
C GLY B 32 14.06 5.71 8.06
N ILE B 33 13.46 4.58 8.41
CA ILE B 33 12.11 4.53 8.95
C ILE B 33 12.11 3.55 10.13
N LEU B 34 11.63 4.00 11.27
CA LEU B 34 11.39 3.12 12.42
C LEU B 34 9.92 2.86 12.46
N GLY B 35 9.55 1.59 12.27
CA GLY B 35 8.21 1.10 12.50
C GLY B 35 7.88 0.12 11.39
N SER B 36 6.80 -0.61 11.58
CA SER B 36 6.45 -1.73 10.72
C SER B 36 5.02 -1.67 10.22
N GLY B 37 4.30 -0.60 10.55
CA GLY B 37 2.85 -0.55 10.29
C GLY B 37 2.48 -0.01 8.92
N ASP B 38 1.18 0.22 8.74
CA ASP B 38 0.65 0.73 7.49
C ASP B 38 1.30 2.04 7.06
N PHE B 39 1.51 2.95 8.00
CA PHE B 39 2.14 4.23 7.66
C PHE B 39 3.61 4.06 7.27
N ALA B 40 4.36 3.32 8.07
CA ALA B 40 5.77 2.98 7.78
C ALA B 40 5.83 2.45 6.35
N ARG B 41 4.88 1.58 5.98
CA ARG B 41 5.04 0.71 4.85
C ARG B 41 4.71 1.62 3.63
N SER B 42 3.73 2.52 3.82
CA SER B 42 3.34 3.50 2.79
C SER B 42 4.44 4.55 2.54
N LEU B 43 5.03 5.05 3.62
CA LEU B 43 6.21 5.93 3.54
CA LEU B 43 6.18 5.93 3.51
C LEU B 43 7.29 5.26 2.71
N ALA B 44 7.64 4.04 3.09
CA ALA B 44 8.67 3.28 2.37
C ALA B 44 8.32 3.18 0.88
N THR B 45 7.06 2.89 0.57
CA THR B 45 6.61 2.76 -0.84
C THR B 45 6.82 4.08 -1.56
N ARG B 46 6.42 5.19 -0.94
CA ARG B 46 6.58 6.50 -1.57
C ARG B 46 8.05 6.89 -1.76
N LEU B 47 8.87 6.67 -0.75
CA LEU B 47 10.31 6.97 -0.80
C LEU B 47 11.04 6.15 -1.88
N VAL B 48 10.77 4.84 -1.92
CA VAL B 48 11.33 3.94 -2.94
C VAL B 48 10.91 4.42 -4.34
N GLY B 49 9.62 4.75 -4.48
CA GLY B 49 9.10 5.25 -5.76
C GLY B 49 9.65 6.60 -6.18
N SER B 50 10.19 7.33 -5.22
CA SER B 50 10.76 8.65 -5.47
C SER B 50 12.29 8.63 -5.59
N GLY B 51 12.88 7.44 -5.63
CA GLY B 51 14.31 7.29 -5.88
C GLY B 51 15.21 7.30 -4.65
N PHE B 52 14.62 7.20 -3.47
CA PHE B 52 15.44 7.11 -2.25
C PHE B 52 15.76 5.66 -1.96
N LYS B 53 16.92 5.43 -1.35
CA LYS B 53 17.23 4.14 -0.75
C LYS B 53 16.66 4.18 0.65
N VAL B 54 15.93 3.12 1.03
CA VAL B 54 15.20 3.09 2.29
C VAL B 54 15.67 1.90 3.15
N VAL B 55 15.93 2.17 4.42
CA VAL B 55 16.21 1.16 5.43
C VAL B 55 15.17 1.26 6.54
N VAL B 56 14.52 0.13 6.82
CA VAL B 56 13.43 0.05 7.82
C VAL B 56 13.88 -0.70 9.07
N GLY B 57 13.67 -0.10 10.23
CA GLY B 57 13.92 -0.75 11.50
C GLY B 57 12.67 -1.31 12.19
N SER B 58 12.67 -2.64 12.37
CA SER B 58 11.56 -3.38 12.88
C SER B 58 12.04 -4.33 13.97
N ARG B 59 11.17 -4.58 14.93
CA ARG B 59 11.42 -5.55 15.97
C ARG B 59 11.38 -6.97 15.39
N ASN B 60 10.58 -7.18 14.36
CA ASN B 60 10.44 -8.50 13.71
C ASN B 60 10.67 -8.38 12.20
N PRO B 61 11.94 -8.18 11.79
CA PRO B 61 12.20 -7.86 10.38
C PRO B 61 11.82 -8.97 9.42
N LYS B 62 11.93 -10.23 9.87
CA LYS B 62 11.62 -11.36 8.99
C LYS B 62 10.18 -11.28 8.53
N ARG B 63 9.28 -11.11 9.48
CA ARG B 63 7.85 -11.00 9.21
C ARG B 63 7.49 -9.70 8.50
N THR B 64 8.07 -8.60 8.96
CA THR B 64 7.78 -7.26 8.41
C THR B 64 8.24 -7.12 6.95
N ALA B 65 9.44 -7.64 6.66
CA ALA B 65 10.00 -7.57 5.31
C ALA B 65 9.06 -8.09 4.20
N ARG B 66 8.34 -9.18 4.52
CA ARG B 66 7.48 -9.85 3.54
C ARG B 66 6.46 -8.92 2.89
N LEU B 67 5.93 -7.97 3.65
CA LEU B 67 4.90 -7.02 3.16
C LEU B 67 5.47 -5.74 2.58
N PHE B 68 6.70 -5.38 2.97
CA PHE B 68 7.30 -4.12 2.53
C PHE B 68 7.78 -4.20 1.09
N PRO B 69 7.89 -3.04 0.42
CA PRO B 69 8.42 -3.02 -0.95
C PRO B 69 9.81 -3.65 -0.98
N SER B 70 10.05 -4.48 -1.99
CA SER B 70 11.31 -5.23 -2.10
C SER B 70 12.52 -4.32 -2.07
N ALA B 71 12.40 -3.14 -2.65
CA ALA B 71 13.53 -2.18 -2.71
C ALA B 71 13.92 -1.61 -1.35
N ALA B 72 13.04 -1.70 -0.36
CA ALA B 72 13.37 -1.27 1.00
C ALA B 72 14.10 -2.41 1.75
N GLN B 73 15.16 -2.06 2.47
CA GLN B 73 15.88 -3.02 3.29
C GLN B 73 15.34 -3.01 4.71
N VAL B 74 14.62 -4.07 5.07
CA VAL B 74 14.01 -4.17 6.38
C VAL B 74 14.96 -4.97 7.24
N THR B 75 15.28 -4.42 8.39
CA THR B 75 16.29 -4.97 9.30
C THR B 75 15.92 -4.64 10.76
N PHE B 76 16.80 -5.01 11.68
CA PHE B 76 16.59 -4.81 13.11
C PHE B 76 16.73 -3.32 13.40
N GLN B 77 16.08 -2.83 14.47
CA GLN B 77 16.07 -1.41 14.77
C GLN B 77 17.47 -0.84 14.86
N GLU B 78 18.33 -1.51 15.61
CA GLU B 78 19.64 -0.99 15.87
C GLU B 78 20.49 -0.88 14.60
N GLU B 79 20.32 -1.82 13.66
CA GLU B 79 21.01 -1.71 12.38
C GLU B 79 20.40 -0.70 11.43
N ALA B 80 19.09 -0.47 11.55
CA ALA B 80 18.37 0.42 10.62
C ALA B 80 18.68 1.90 10.83
N VAL B 81 19.01 2.26 12.05
CA VAL B 81 19.19 3.68 12.40
C VAL B 81 20.60 4.17 12.25
N SER B 82 21.50 3.29 12.01
CA SER B 82 22.92 3.60 12.05
C SER B 82 23.41 4.40 10.83
N SER B 83 22.97 4.02 9.61
CA SER B 83 23.39 4.69 8.37
C SER B 83 22.72 6.04 8.07
N PRO B 84 21.37 6.09 8.11
CA PRO B 84 20.67 7.29 7.62
C PRO B 84 20.93 8.58 8.41
N GLU B 85 20.83 9.72 7.73
CA GLU B 85 20.86 11.05 8.39
C GLU B 85 19.46 11.47 8.89
N VAL B 86 18.44 11.04 8.14
CA VAL B 86 17.02 11.35 8.43
C VAL B 86 16.28 10.06 8.71
N ILE B 87 15.62 10.00 9.86
CA ILE B 87 14.86 8.84 10.30
C ILE B 87 13.41 9.23 10.61
N PHE B 88 12.48 8.64 9.86
CA PHE B 88 11.05 8.78 10.15
C PHE B 88 10.65 7.89 11.32
N VAL B 89 10.06 8.49 12.35
CA VAL B 89 9.61 7.74 13.50
C VAL B 89 8.13 7.40 13.35
N ALA B 90 7.88 6.27 12.68
CA ALA B 90 6.53 5.82 12.31
C ALA B 90 6.00 4.77 13.29
N VAL B 91 5.96 5.15 14.55
CA VAL B 91 5.37 4.35 15.62
C VAL B 91 4.49 5.27 16.46
N PHE B 92 3.59 4.70 17.26
CA PHE B 92 2.71 5.50 18.09
C PHE B 92 3.46 6.11 19.26
N ARG B 93 2.91 7.20 19.80
CA ARG B 93 3.56 7.95 20.89
C ARG B 93 3.91 7.04 22.06
N GLU B 94 3.00 6.11 22.37
CA GLU B 94 3.16 5.19 23.51
C GLU B 94 4.43 4.33 23.38
N HIS B 95 4.92 4.19 22.15
CA HIS B 95 6.11 3.39 21.89
C HIS B 95 7.39 4.19 21.64
N TYR B 96 7.30 5.52 21.69
CA TYR B 96 8.50 6.40 21.59
C TYR B 96 9.61 6.01 22.57
N SER B 97 9.28 5.86 23.85
CA SER B 97 10.31 5.57 24.87
C SER B 97 10.91 4.20 24.67
N SER B 98 10.19 3.30 24.00
CA SER B 98 10.74 1.99 23.67
C SER B 98 11.96 2.07 22.75
N LEU B 99 12.15 3.22 22.10
CA LEU B 99 13.30 3.46 21.21
C LEU B 99 14.54 4.01 21.93
N CYS B 100 14.45 4.21 23.24
CA CYS B 100 15.53 4.87 23.99
C CYS B 100 16.89 4.16 23.94
N SER B 101 16.87 2.84 23.82
CA SER B 101 18.11 2.07 23.74
C SER B 101 18.86 2.33 22.42
N LEU B 102 18.22 3.00 21.47
CA LEU B 102 18.87 3.42 20.22
C LEU B 102 19.62 4.75 20.30
N SER B 103 19.57 5.40 21.46
CA SER B 103 20.04 6.78 21.62
C SER B 103 21.45 7.05 21.09
N ASP B 104 22.39 6.17 21.45
CA ASP B 104 23.80 6.32 21.07
C ASP B 104 24.00 6.29 19.56
N GLN B 105 23.23 5.48 18.86
CA GLN B 105 23.33 5.42 17.41
C GLN B 105 22.66 6.62 16.73
N LEU B 106 21.57 7.08 17.32
CA LEU B 106 20.77 8.19 16.79
C LEU B 106 21.39 9.58 17.01
N ALA B 107 22.43 9.70 17.82
CA ALA B 107 22.95 11.01 18.19
C ALA B 107 23.23 11.87 16.96
N GLY B 108 22.79 13.14 16.99
CA GLY B 108 22.98 14.07 15.87
C GLY B 108 22.12 13.87 14.62
N LYS B 109 21.21 12.90 14.65
N LYS B 109 21.22 12.90 14.63
CA LYS B 109 20.36 12.58 13.49
CA LYS B 109 20.38 12.61 13.46
C LYS B 109 19.10 13.45 13.46
C LYS B 109 19.10 13.45 13.45
N ILE B 110 18.44 13.51 12.32
CA ILE B 110 17.17 14.16 12.18
C ILE B 110 16.08 13.12 12.37
N LEU B 111 15.15 13.39 13.29
CA LEU B 111 14.01 12.53 13.52
C LEU B 111 12.73 13.22 13.03
N VAL B 112 11.94 12.52 12.23
CA VAL B 112 10.68 13.07 11.72
C VAL B 112 9.52 12.51 12.50
N ASP B 113 8.82 13.37 13.22
CA ASP B 113 7.60 12.98 13.93
C ASP B 113 6.42 13.15 12.97
N VAL B 114 5.84 12.03 12.57
CA VAL B 114 4.72 11.95 11.63
C VAL B 114 3.35 11.73 12.30
N SER B 115 3.34 11.70 13.63
CA SER B 115 2.18 11.27 14.37
C SER B 115 0.98 12.21 14.17
N ASN B 116 -0.21 11.59 14.09
CA ASN B 116 -1.49 12.26 13.93
C ASN B 116 -2.34 11.90 15.15
N PRO B 117 -2.15 12.65 16.25
CA PRO B 117 -2.84 12.25 17.47
C PRO B 117 -4.34 12.45 17.36
N THR B 118 -5.09 11.61 18.07
CA THR B 118 -6.52 11.85 18.21
C THR B 118 -6.76 13.16 18.94
N GLU B 119 -7.98 13.69 18.81
CA GLU B 119 -8.39 14.92 19.50
C GLU B 119 -8.14 14.81 21.00
N GLN B 120 -8.47 13.65 21.58
CA GLN B 120 -8.28 13.44 23.02
C GLN B 120 -6.82 13.44 23.42
N GLU B 121 -6.00 12.69 22.67
CA GLU B 121 -4.54 12.70 22.89
C GLU B 121 -3.96 14.12 22.82
N HIS B 122 -4.36 14.82 21.78
CA HIS B 122 -3.93 16.20 21.54
C HIS B 122 -4.18 17.08 22.75
N LEU B 123 -5.38 16.99 23.29
CA LEU B 123 -5.77 17.81 24.43
C LEU B 123 -5.24 17.30 25.78
N GLN B 124 -4.97 16.01 25.87
N GLN B 124 -4.97 16.01 25.89
CA GLN B 124 -4.54 15.41 27.14
CA GLN B 124 -4.54 15.44 27.18
C GLN B 124 -3.08 15.71 27.45
C GLN B 124 -3.07 15.72 27.47
N HIS B 125 -2.25 15.75 26.42
CA HIS B 125 -0.82 15.99 26.59
C HIS B 125 -0.49 17.46 26.39
N ARG B 126 0.16 18.04 27.39
CA ARG B 126 0.59 19.45 27.35
C ARG B 126 1.49 19.74 26.15
N GLU B 127 2.48 18.89 25.94
CA GLU B 127 3.38 19.10 24.81
C GLU B 127 2.92 18.31 23.58
N SER B 128 3.32 18.78 22.42
CA SER B 128 3.11 18.03 21.18
C SER B 128 3.88 16.73 21.23
N ASN B 129 3.44 15.74 20.47
CA ASN B 129 4.22 14.52 20.32
C ASN B 129 5.63 14.81 19.84
N ALA B 130 5.75 15.78 18.94
CA ALA B 130 7.05 16.16 18.37
C ALA B 130 7.98 16.68 19.47
N GLU B 131 7.43 17.49 20.39
CA GLU B 131 8.23 18.02 21.51
C GLU B 131 8.59 16.94 22.53
N TYR B 132 7.66 16.03 22.76
CA TYR B 132 7.92 14.89 23.64
C TYR B 132 9.08 14.06 23.05
N LEU B 133 9.01 13.82 21.77
CA LEU B 133 10.08 13.11 21.05
C LEU B 133 11.42 13.83 21.13
N ALA B 134 11.40 15.15 21.02
CA ALA B 134 12.62 15.94 21.15
C ALA B 134 13.24 15.79 22.56
N SER B 135 12.37 15.73 23.57
CA SER B 135 12.78 15.57 24.98
C SER B 135 13.41 14.22 25.25
N LEU B 136 12.93 13.20 24.53
CA LEU B 136 13.48 11.85 24.68
C LEU B 136 14.85 11.69 24.05
N PHE B 137 15.11 12.48 23.00
CA PHE B 137 16.36 12.40 22.22
C PHE B 137 17.01 13.78 22.03
N PRO B 138 17.52 14.37 23.13
CA PRO B 138 18.04 15.75 23.12
C PRO B 138 19.24 15.95 22.19
N THR B 139 19.96 14.89 21.86
CA THR B 139 21.09 14.97 20.92
C THR B 139 20.62 14.90 19.46
N CYS B 140 19.34 14.60 19.24
CA CYS B 140 18.74 14.68 17.90
C CYS B 140 18.00 16.00 17.69
N THR B 141 17.65 16.27 16.43
CA THR B 141 16.81 17.39 16.08
C THR B 141 15.52 16.85 15.45
N VAL B 142 14.39 17.30 16.01
CA VAL B 142 13.08 16.82 15.56
C VAL B 142 12.44 17.77 14.57
N VAL B 143 11.90 17.19 13.51
CA VAL B 143 11.05 17.89 12.54
C VAL B 143 9.66 17.24 12.54
N LYS B 144 8.64 18.06 12.67
CA LYS B 144 7.26 17.62 12.51
C LYS B 144 6.91 17.68 11.02
N ALA B 145 6.45 16.55 10.48
CA ALA B 145 6.04 16.52 9.08
C ALA B 145 5.24 15.27 8.75
N PHE B 146 4.28 15.45 7.85
CA PHE B 146 3.52 14.35 7.22
C PHE B 146 2.31 13.85 8.00
N ASN B 147 2.04 14.46 9.15
CA ASN B 147 0.88 14.07 9.95
C ASN B 147 -0.48 14.24 9.26
N VAL B 148 -0.58 15.20 8.34
CA VAL B 148 -1.84 15.46 7.67
C VAL B 148 -2.04 14.61 6.40
N ILE B 149 -1.03 13.81 6.05
CA ILE B 149 -1.05 13.00 4.83
C ILE B 149 -1.48 11.58 5.17
N SER B 150 -2.50 11.07 4.49
CA SER B 150 -2.95 9.69 4.73
C SER B 150 -1.98 8.68 4.13
N ALA B 151 -2.00 7.48 4.69
CA ALA B 151 -1.20 6.37 4.22
C ALA B 151 -1.51 6.08 2.76
N TRP B 152 -2.77 6.14 2.35
CA TRP B 152 -3.09 5.88 0.96
C TRP B 152 -2.59 6.98 0.02
N THR B 153 -2.53 8.22 0.52
CA THR B 153 -1.98 9.35 -0.28
C THR B 153 -0.50 9.14 -0.53
N LEU B 154 0.22 8.65 0.47
CA LEU B 154 1.59 8.25 0.30
C LEU B 154 1.75 7.13 -0.71
N GLN B 155 0.89 6.14 -0.65
CA GLN B 155 0.95 5.01 -1.56
C GLN B 155 0.61 5.37 -2.99
N ALA B 156 -0.54 6.01 -3.16
CA ALA B 156 -1.11 6.19 -4.48
C ALA B 156 -0.92 7.60 -4.95
N GLY B 157 -1.27 8.55 -4.07
CA GLY B 157 -1.46 9.96 -4.44
C GLY B 157 -0.13 10.60 -4.74
N PRO B 158 0.16 11.77 -4.17
CA PRO B 158 -0.75 12.87 -3.98
C PRO B 158 -1.08 13.58 -5.30
N ARG B 159 -0.22 13.50 -6.32
CA ARG B 159 0.02 12.27 -7.07
C ARG B 159 1.45 12.14 -7.56
N ASP B 160 2.31 13.00 -7.06
CA ASP B 160 3.37 13.66 -7.82
C ASP B 160 2.95 14.97 -8.49
N GLY B 161 1.91 15.62 -8.00
CA GLY B 161 2.01 17.07 -7.91
C GLY B 161 1.18 17.56 -6.79
N ASN B 162 1.57 18.60 -6.03
CA ASN B 162 0.55 19.50 -5.46
C ASN B 162 -0.05 19.46 -4.04
N ARG B 163 0.41 18.63 -3.10
CA ARG B 163 -0.33 18.63 -1.86
C ARG B 163 0.47 18.84 -0.56
N GLN B 164 -0.09 19.62 0.35
CA GLN B 164 0.66 20.67 1.07
C GLN B 164 1.04 19.71 2.21
N VAL B 165 2.30 19.64 2.58
CA VAL B 165 2.69 19.27 3.95
C VAL B 165 3.27 20.32 4.88
N PRO B 166 2.57 20.59 5.99
CA PRO B 166 3.10 21.48 7.00
C PRO B 166 4.35 20.93 7.70
N ILE B 167 5.37 21.76 7.82
CA ILE B 167 6.66 21.36 8.42
C ILE B 167 6.97 22.38 9.51
N CYS B 168 7.33 21.90 10.69
CA CYS B 168 8.20 22.72 11.54
C CYS B 168 9.29 22.07 12.33
N GLY B 169 10.02 22.94 13.02
CA GLY B 169 11.08 22.53 13.92
C GLY B 169 12.20 23.56 13.98
N ASP B 170 13.18 23.32 14.83
CA ASP B 170 13.87 24.43 15.53
C ASP B 170 15.11 24.65 14.66
N GLN B 171 15.47 23.64 13.83
CA GLN B 171 16.71 23.70 13.05
C GLN B 171 16.46 23.88 11.56
N PRO B 172 16.85 25.05 10.98
CA PRO B 172 16.72 25.33 9.55
C PRO B 172 17.25 24.23 8.62
N GLU B 173 18.44 23.70 8.89
CA GLU B 173 19.04 22.64 8.05
C GLU B 173 18.18 21.36 8.02
N ALA B 174 17.76 20.93 9.19
CA ALA B 174 16.86 19.77 9.31
C ALA B 174 15.58 20.01 8.51
N LYS B 175 14.95 21.16 8.70
CA LYS B 175 13.70 21.48 7.98
C LYS B 175 13.87 21.45 6.45
N ARG B 176 14.99 21.98 5.98
CA ARG B 176 15.30 21.99 4.54
C ARG B 176 15.49 20.55 4.01
N ALA B 177 16.21 19.71 4.75
CA ALA B 177 16.39 18.32 4.35
C ALA B 177 15.03 17.62 4.20
N VAL B 178 14.12 17.85 5.16
CA VAL B 178 12.81 17.17 5.12
C VAL B 178 11.93 17.80 4.02
N SER B 179 12.06 19.11 3.82
CA SER B 179 11.32 19.84 2.77
C SER B 179 11.73 19.37 1.36
N GLU B 180 13.03 19.23 1.13
CA GLU B 180 13.53 18.71 -0.16
C GLU B 180 13.04 17.29 -0.42
N MET B 181 12.94 16.51 0.63
CA MET B 181 12.48 15.14 0.54
C MET B 181 10.98 15.15 0.24
N ALA B 182 10.26 16.03 0.90
CA ALA B 182 8.84 16.22 0.62
C ALA B 182 8.63 16.59 -0.86
N LEU B 183 9.46 17.50 -1.35
CA LEU B 183 9.41 17.87 -2.75
C LEU B 183 9.69 16.70 -3.70
N ALA B 184 10.72 15.92 -3.40
CA ALA B 184 11.09 14.76 -4.21
C ALA B 184 9.98 13.72 -4.23
N MET B 185 9.19 13.68 -3.15
CA MET B 185 8.08 12.74 -3.03
C MET B 185 6.79 13.25 -3.69
N GLY B 186 6.83 14.47 -4.21
CA GLY B 186 5.69 15.03 -4.91
C GLY B 186 4.79 15.92 -4.07
N PHE B 187 5.20 16.25 -2.86
CA PHE B 187 4.43 17.10 -1.95
C PHE B 187 4.97 18.53 -1.99
N MET B 188 4.28 19.42 -1.29
CA MET B 188 4.57 20.82 -1.29
C MET B 188 4.70 21.26 0.15
N PRO B 189 5.95 21.38 0.63
CA PRO B 189 6.17 21.68 2.03
C PRO B 189 5.76 23.12 2.34
N VAL B 190 5.22 23.32 3.54
CA VAL B 190 4.74 24.59 4.02
C VAL B 190 5.34 24.85 5.38
N ASP B 191 6.24 25.83 5.48
CA ASP B 191 6.98 26.06 6.71
C ASP B 191 6.05 26.67 7.74
N MET B 192 5.91 25.99 8.87
CA MET B 192 5.09 26.46 9.98
C MET B 192 5.92 26.96 11.14
N GLY B 193 7.22 27.11 10.93
CA GLY B 193 8.06 27.74 11.92
C GLY B 193 8.75 26.77 12.85
N SER B 194 8.87 27.16 14.11
CA SER B 194 9.65 26.39 15.08
C SER B 194 8.91 25.16 15.61
N LEU B 195 9.60 24.34 16.37
CA LEU B 195 8.97 23.13 16.87
C LEU B 195 7.86 23.44 17.82
N ALA B 196 7.82 24.66 18.36
CA ALA B 196 6.69 25.06 19.20
C ALA B 196 5.35 25.09 18.46
N SER B 197 5.40 25.28 17.14
CA SER B 197 4.19 25.22 16.32
C SER B 197 3.64 23.80 16.08
N ALA B 198 4.38 22.76 16.53
CA ALA B 198 4.01 21.38 16.29
C ALA B 198 2.66 21.04 16.94
N TRP B 199 2.34 21.66 18.06
CA TRP B 199 1.08 21.35 18.73
C TRP B 199 -0.10 21.75 17.83
N GLU B 200 -0.05 22.97 17.29
CA GLU B 200 -1.07 23.45 16.35
C GLU B 200 -1.10 22.59 15.10
N VAL B 201 0.07 22.30 14.56
CA VAL B 201 0.20 21.43 13.38
C VAL B 201 -0.44 20.04 13.66
N GLU B 202 -0.23 19.51 14.86
CA GLU B 202 -0.83 18.23 15.26
C GLU B 202 -2.36 18.27 15.35
N ALA B 203 -2.95 19.47 15.52
CA ALA B 203 -4.41 19.64 15.51
C ALA B 203 -5.00 19.67 14.09
N MET B 204 -4.15 19.87 13.09
CA MET B 204 -4.63 19.99 11.72
C MET B 204 -5.26 18.68 11.26
N PRO B 205 -6.42 18.75 10.60
CA PRO B 205 -7.12 17.52 10.20
C PRO B 205 -6.39 16.68 9.16
N LEU B 206 -6.51 15.36 9.28
CA LEU B 206 -5.97 14.41 8.31
C LEU B 206 -6.76 14.53 7.02
N ARG B 207 -6.06 14.48 5.90
CA ARG B 207 -6.64 14.59 4.57
C ARG B 207 -6.62 13.26 3.81
N LEU B 208 -7.77 12.71 3.42
CA LEU B 208 -9.09 13.12 3.87
C LEU B 208 -10.01 11.90 3.81
#